data_4Q0K
#
_entry.id   4Q0K
#
_cell.length_a   55.800
_cell.length_b   55.800
_cell.length_c   99.960
_cell.angle_alpha   90.000
_cell.angle_beta   90.000
_cell.angle_gamma   120.000
#
_symmetry.space_group_name_H-M   'P 65'
#
loop_
_entity.id
_entity.type
_entity.pdbx_description
1 polymer 'PHYTOHORMONE BINDING PROTEIN MTPHBP'
2 non-polymer 'GIBBERELLIN A3'
3 non-polymer GLYCEROL
4 water water
#
_entity_poly.entity_id   1
_entity_poly.type   'polypeptide(L)'
_entity_poly.pdbx_seq_one_letter_code
;GIDPFTMIKEFNTQTTLNVGLEALWAAQSKDITLVVPKVLPNIVKDVQVIEGDGGVGTKLIFNFLPGIAPVNYQREVITE
YDELSHTIGLQVVEGGYLNQGLSYYKTTFQFSAISENKTLVNVKISYDHESELIEEKVKPTKTSESTLFYLGQLEKFLLN
GA
;
_entity_poly.pdbx_strand_id   A
#
# COMPACT_ATOMS: atom_id res chain seq x y z
N MET A 7 -13.19 -3.39 17.42
N MET A 7 -13.00 -3.12 17.53
CA MET A 7 -12.31 -4.52 17.02
CA MET A 7 -12.17 -4.32 17.23
C MET A 7 -10.99 -4.10 16.28
C MET A 7 -10.92 -3.92 16.38
N ILE A 8 -11.14 -3.36 15.20
CA ILE A 8 -10.05 -3.00 14.30
C ILE A 8 -9.23 -1.87 14.92
N LYS A 9 -7.95 -2.06 14.96
CA LYS A 9 -7.04 -1.05 15.42
C LYS A 9 -6.53 -0.24 14.22
N GLU A 10 -6.22 1.02 14.49
CA GLU A 10 -5.79 1.92 13.43
C GLU A 10 -4.57 2.73 13.85
N PHE A 11 -3.62 2.86 12.93
CA PHE A 11 -2.39 3.64 13.06
C PHE A 11 -2.36 4.60 11.88
N ASN A 12 -1.95 5.81 12.13
CA ASN A 12 -1.79 6.81 11.09
C ASN A 12 -0.40 7.43 11.11
N THR A 13 0.09 7.73 9.92
CA THR A 13 1.24 8.57 9.80
C THR A 13 1.13 9.39 8.52
N GLN A 14 2.11 10.21 8.29
CA GLN A 14 2.18 11.11 7.13
C GLN A 14 3.59 11.19 6.63
N THR A 15 3.71 11.40 5.34
CA THR A 15 4.99 11.73 4.75
C THR A 15 4.74 12.81 3.73
N THR A 16 5.76 13.61 3.45
CA THR A 16 5.70 14.60 2.38
C THR A 16 6.68 14.23 1.31
N LEU A 17 6.22 14.20 0.08
CA LEU A 17 7.02 13.82 -1.05
C LEU A 17 7.15 15.01 -2.01
N ASN A 18 8.34 15.18 -2.55
CA ASN A 18 8.61 16.27 -3.50
C ASN A 18 8.26 15.90 -4.94
N VAL A 19 7.06 15.41 -5.15
CA VAL A 19 6.53 15.19 -6.47
C VAL A 19 5.07 15.60 -6.45
N GLY A 20 4.54 15.96 -7.58
CA GLY A 20 3.18 16.43 -7.70
C GLY A 20 2.09 15.39 -7.53
N LEU A 21 0.91 15.88 -7.22
CA LEU A 21 -0.19 15.01 -6.86
C LEU A 21 -0.57 14.07 -7.97
N GLU A 22 -0.73 14.58 -9.17
CA GLU A 22 -1.25 13.74 -10.24
C GLU A 22 -0.30 12.61 -10.57
N ALA A 23 0.99 12.86 -10.52
CA ALA A 23 1.96 11.83 -10.82
C ALA A 23 1.90 10.72 -9.77
N LEU A 24 1.86 11.10 -8.50
CA LEU A 24 1.72 10.12 -7.42
C LEU A 24 0.43 9.35 -7.51
N TRP A 25 -0.67 10.04 -7.73
CA TRP A 25 -1.97 9.38 -7.74
C TRP A 25 -2.03 8.36 -8.91
N ALA A 26 -1.55 8.74 -10.08
CA ALA A 26 -1.52 7.79 -11.20
C ALA A 26 -0.70 6.55 -10.86
N ALA A 27 0.48 6.76 -10.28
CA ALA A 27 1.33 5.64 -9.94
C ALA A 27 0.69 4.69 -8.93
N GLN A 28 -0.06 5.22 -8.00
CA GLN A 28 -0.64 4.46 -6.91
C GLN A 28 -1.98 3.85 -7.26
N SER A 29 -2.56 4.26 -8.37
CA SER A 29 -3.84 3.75 -8.77
C SER A 29 -3.78 3.07 -10.13
N LYS A 30 -3.99 3.84 -11.18
CA LYS A 30 -4.14 3.19 -12.47
C LYS A 30 -2.87 2.55 -13.02
N ASP A 31 -1.69 2.99 -12.60
CA ASP A 31 -0.47 2.44 -13.13
C ASP A 31 0.27 1.55 -12.12
N ILE A 32 -0.38 1.15 -11.03
CA ILE A 32 0.26 0.46 -9.93
C ILE A 32 0.96 -0.81 -10.36
N THR A 33 0.36 -1.55 -11.28
CA THR A 33 0.92 -2.85 -11.63
C THR A 33 2.17 -2.77 -12.40
N LEU A 34 2.38 -1.68 -13.15
CA LEU A 34 3.64 -1.54 -13.85
C LEU A 34 4.68 -0.72 -13.12
N VAL A 35 4.22 0.18 -12.25
CA VAL A 35 5.13 1.06 -11.49
C VAL A 35 5.76 0.33 -10.29
N VAL A 36 4.99 -0.48 -9.54
CA VAL A 36 5.53 -1.07 -8.33
C VAL A 36 6.80 -1.90 -8.57
N PRO A 37 6.83 -2.76 -9.62
CA PRO A 37 8.10 -3.51 -9.85
C PRO A 37 9.29 -2.65 -10.21
N LYS A 38 9.05 -1.48 -10.81
CA LYS A 38 10.14 -0.57 -11.17
C LYS A 38 10.62 0.21 -9.94
N VAL A 39 9.74 0.43 -8.99
CA VAL A 39 10.04 1.14 -7.78
C VAL A 39 10.77 0.25 -6.80
N LEU A 40 10.34 -1.01 -6.74
CA LEU A 40 10.87 -2.00 -5.79
C LEU A 40 11.47 -3.22 -6.47
N PRO A 41 12.48 -3.02 -7.33
CA PRO A 41 12.93 -4.11 -8.19
C PRO A 41 13.61 -5.26 -7.41
N ASN A 42 14.06 -5.02 -6.20
CA ASN A 42 14.64 -6.08 -5.40
C ASN A 42 13.68 -6.73 -4.41
N ILE A 43 12.41 -6.38 -4.51
CA ILE A 43 11.37 -6.92 -3.68
C ILE A 43 10.20 -7.52 -4.47
N VAL A 44 9.69 -6.77 -5.43
CA VAL A 44 8.48 -7.15 -6.17
C VAL A 44 8.87 -7.63 -7.55
N LYS A 45 8.56 -8.88 -7.87
CA LYS A 45 8.81 -9.43 -9.21
C LYS A 45 7.85 -8.88 -10.21
N ASP A 46 6.56 -8.94 -9.88
CA ASP A 46 5.53 -8.45 -10.80
C ASP A 46 4.23 -8.30 -10.03
N VAL A 47 3.28 -7.59 -10.63
CA VAL A 47 1.98 -7.35 -10.07
C VAL A 47 0.96 -7.50 -11.15
N GLN A 48 -0.13 -8.20 -10.86
CA GLN A 48 -1.21 -8.35 -11.84
C GLN A 48 -2.54 -7.95 -11.31
N VAL A 49 -3.36 -7.41 -12.20
CA VAL A 49 -4.76 -7.27 -11.96
C VAL A 49 -5.42 -8.60 -12.28
N ILE A 50 -5.99 -9.22 -11.26
CA ILE A 50 -6.73 -10.47 -11.44
C ILE A 50 -8.10 -10.19 -12.06
N GLU A 51 -8.73 -9.14 -11.59
CA GLU A 51 -10.08 -8.79 -11.97
C GLU A 51 -10.34 -7.36 -11.54
N GLY A 52 -11.18 -6.67 -12.32
CA GLY A 52 -11.66 -5.34 -11.98
C GLY A 52 -11.01 -4.20 -12.72
N ASP A 53 -11.60 -3.02 -12.54
CA ASP A 53 -11.22 -1.84 -13.33
C ASP A 53 -10.45 -0.80 -12.54
N GLY A 54 -10.11 -1.13 -11.30
CA GLY A 54 -9.40 -0.23 -10.43
C GLY A 54 -10.20 0.28 -9.26
N GLY A 55 -11.51 0.14 -9.32
CA GLY A 55 -12.33 0.57 -8.23
C GLY A 55 -12.57 -0.48 -7.19
N VAL A 56 -13.50 -0.19 -6.27
CA VAL A 56 -13.79 -1.14 -5.17
C VAL A 56 -14.08 -2.52 -5.68
N GLY A 57 -13.42 -3.48 -5.07
CA GLY A 57 -13.54 -4.91 -5.39
C GLY A 57 -12.53 -5.41 -6.39
N THR A 58 -11.71 -4.52 -6.96
CA THR A 58 -10.63 -4.94 -7.83
C THR A 58 -9.68 -5.80 -7.05
N LYS A 59 -9.22 -6.88 -7.69
CA LYS A 59 -8.35 -7.87 -7.07
C LYS A 59 -6.98 -7.78 -7.74
N LEU A 60 -5.93 -7.69 -6.91
CA LEU A 60 -4.54 -7.59 -7.35
C LEU A 60 -3.73 -8.66 -6.70
N ILE A 61 -2.73 -9.16 -7.39
CA ILE A 61 -1.70 -10.01 -6.80
C ILE A 61 -0.32 -9.40 -6.95
N PHE A 62 0.40 -9.30 -5.85
CA PHE A 62 1.79 -8.84 -5.83
C PHE A 62 2.65 -10.07 -5.61
N ASN A 63 3.57 -10.37 -6.52
CA ASN A 63 4.48 -11.49 -6.43
C ASN A 63 5.83 -10.97 -6.02
N PHE A 64 6.36 -11.51 -4.93
CA PHE A 64 7.64 -11.10 -4.37
C PHE A 64 8.78 -12.00 -4.71
N LEU A 65 9.99 -11.46 -4.72
CA LEU A 65 11.20 -12.30 -4.77
C LEU A 65 11.28 -13.14 -3.50
N PRO A 66 11.43 -14.45 -3.61
CA PRO A 66 11.52 -15.27 -2.40
C PRO A 66 12.78 -15.02 -1.58
N GLY A 67 12.73 -15.28 -0.30
CA GLY A 67 13.91 -15.21 0.55
C GLY A 67 14.10 -13.96 1.35
N ILE A 68 13.25 -13.00 1.08
CA ILE A 68 13.26 -11.73 1.78
C ILE A 68 12.29 -11.75 2.93
N ALA A 69 11.05 -12.13 2.63
CA ALA A 69 9.99 -12.16 3.63
C ALA A 69 9.52 -13.57 3.85
N PRO A 70 8.66 -13.76 4.84
CA PRO A 70 8.17 -15.10 5.12
C PRO A 70 7.09 -15.57 4.14
N VAL A 71 6.80 -14.80 3.11
CA VAL A 71 5.74 -15.12 2.15
C VAL A 71 6.25 -14.68 0.84
N ASN A 72 5.75 -15.27 -0.29
CA ASN A 72 6.21 -14.82 -1.61
C ASN A 72 5.13 -14.11 -2.44
N TYR A 73 4.02 -13.75 -1.82
CA TYR A 73 2.96 -12.98 -2.52
C TYR A 73 2.06 -12.33 -1.51
N GLN A 74 1.25 -11.40 -1.99
CA GLN A 74 0.03 -11.01 -1.30
C GLN A 74 -1.03 -10.69 -2.32
N ARG A 75 -2.26 -11.13 -2.07
N ARG A 75 -2.23 -11.11 -1.98
CA ARG A 75 -3.45 -10.74 -2.84
CA ARG A 75 -3.47 -10.80 -2.66
C ARG A 75 -4.16 -9.65 -2.06
C ARG A 75 -4.03 -9.56 -1.99
N GLU A 76 -4.52 -8.58 -2.77
CA GLU A 76 -5.13 -7.39 -2.22
C GLU A 76 -6.47 -7.12 -2.92
N VAL A 77 -7.39 -6.49 -2.25
CA VAL A 77 -8.64 -6.03 -2.81
C VAL A 77 -8.80 -4.56 -2.49
N ILE A 78 -9.23 -3.80 -3.47
CA ILE A 78 -9.46 -2.38 -3.29
CA ILE A 78 -9.48 -2.37 -3.33
C ILE A 78 -10.76 -2.16 -2.52
N THR A 79 -10.70 -1.36 -1.46
CA THR A 79 -11.85 -1.08 -0.58
C THR A 79 -12.27 0.38 -0.53
N GLU A 80 -11.48 1.27 -1.15
CA GLU A 80 -11.84 2.65 -1.26
C GLU A 80 -11.11 3.17 -2.48
N TYR A 81 -11.82 3.98 -3.27
CA TYR A 81 -11.24 4.54 -4.46
C TYR A 81 -11.97 5.85 -4.69
N ASP A 82 -11.33 6.98 -4.37
N ASP A 82 -11.32 6.96 -4.40
CA ASP A 82 -11.97 8.32 -4.41
CA ASP A 82 -11.95 8.26 -4.56
C ASP A 82 -11.04 9.28 -5.18
C ASP A 82 -11.00 9.22 -5.24
N GLU A 83 -11.41 9.66 -6.40
CA GLU A 83 -10.57 10.46 -7.26
C GLU A 83 -10.60 11.90 -6.83
N LEU A 84 -11.60 12.33 -6.13
CA LEU A 84 -11.63 13.72 -5.74
CA LEU A 84 -11.68 13.72 -5.66
C LEU A 84 -10.67 13.98 -4.57
N SER A 85 -10.70 13.12 -3.57
CA SER A 85 -9.79 13.23 -2.42
C SER A 85 -8.47 12.49 -2.63
N HIS A 86 -8.35 11.77 -3.75
CA HIS A 86 -7.18 10.95 -4.06
C HIS A 86 -6.88 9.96 -2.91
N THR A 87 -7.89 9.15 -2.62
CA THR A 87 -7.81 8.14 -1.58
C THR A 87 -7.95 6.74 -2.20
N ILE A 88 -7.04 5.83 -1.81
CA ILE A 88 -7.13 4.44 -2.28
C ILE A 88 -6.81 3.53 -1.10
N GLY A 89 -7.63 2.51 -0.90
CA GLY A 89 -7.44 1.54 0.18
C GLY A 89 -7.28 0.14 -0.37
N LEU A 90 -6.28 -0.57 0.18
CA LEU A 90 -5.96 -1.95 -0.22
C LEU A 90 -5.98 -2.85 1.00
N GLN A 91 -6.85 -3.85 0.97
CA GLN A 91 -7.02 -4.81 2.05
C GLN A 91 -6.41 -6.16 1.62
N VAL A 92 -5.61 -6.77 2.49
CA VAL A 92 -4.95 -8.02 2.15
CA VAL A 92 -4.97 -8.03 2.20
C VAL A 92 -5.99 -9.12 2.26
N VAL A 93 -5.99 -9.98 1.25
CA VAL A 93 -6.91 -11.14 1.13
C VAL A 93 -6.22 -12.44 1.47
N GLU A 94 -4.99 -12.60 1.04
CA GLU A 94 -4.21 -13.80 1.22
C GLU A 94 -2.77 -13.44 1.21
N GLY A 95 -1.97 -14.18 1.95
CA GLY A 95 -0.52 -13.94 1.98
C GLY A 95 -0.21 -12.69 2.77
N GLY A 96 0.92 -12.09 2.43
CA GLY A 96 1.29 -10.90 3.12
C GLY A 96 1.35 -11.06 4.64
N TYR A 97 0.86 -10.07 5.37
CA TYR A 97 0.92 -10.13 6.81
C TYR A 97 -0.04 -11.12 7.45
N LEU A 98 -0.96 -11.66 6.66
CA LEU A 98 -1.84 -12.75 7.16
C LEU A 98 -1.05 -13.99 7.46
N ASN A 99 0.18 -14.10 6.96
CA ASN A 99 1.05 -15.25 7.25
C ASN A 99 2.13 -14.87 8.27
N GLN A 100 2.01 -13.71 8.91
CA GLN A 100 3.03 -13.16 9.79
C GLN A 100 2.51 -12.71 11.13
N GLY A 101 1.28 -13.05 11.47
CA GLY A 101 0.78 -12.73 12.77
C GLY A 101 -0.45 -11.87 12.80
N LEU A 102 -0.94 -11.40 11.65
CA LEU A 102 -2.15 -10.60 11.66
C LEU A 102 -3.31 -11.39 11.10
N SER A 103 -4.52 -10.98 11.51
CA SER A 103 -5.77 -11.56 11.05
C SER A 103 -6.51 -10.59 10.11
N TYR A 104 -6.01 -9.38 10.00
CA TYR A 104 -6.66 -8.34 9.17
C TYR A 104 -5.60 -7.27 8.89
N TYR A 105 -5.54 -6.78 7.66
CA TYR A 105 -4.67 -5.68 7.35
C TYR A 105 -5.18 -4.91 6.18
N LYS A 106 -5.13 -3.59 6.30
CA LYS A 106 -5.51 -2.68 5.21
C LYS A 106 -4.63 -1.45 5.28
N THR A 107 -4.25 -0.94 4.11
CA THR A 107 -3.49 0.29 3.98
C THR A 107 -4.29 1.25 3.15
N THR A 108 -4.49 2.45 3.64
CA THR A 108 -5.19 3.51 2.90
C THR A 108 -4.25 4.70 2.72
N PHE A 109 -4.08 5.10 1.46
CA PHE A 109 -3.29 6.30 1.10
C PHE A 109 -4.25 7.39 0.72
N GLN A 110 -4.00 8.58 1.22
CA GLN A 110 -4.70 9.78 0.80
CA GLN A 110 -4.71 9.79 0.82
C GLN A 110 -3.71 10.89 0.49
N PHE A 111 -3.78 11.39 -0.73
CA PHE A 111 -2.83 12.35 -1.26
C PHE A 111 -3.46 13.72 -1.29
N SER A 112 -2.74 14.73 -0.81
CA SER A 112 -3.24 16.11 -0.79
C SER A 112 -2.13 17.01 -1.32
N ALA A 113 -2.46 17.87 -2.26
CA ALA A 113 -1.44 18.77 -2.80
C ALA A 113 -1.02 19.80 -1.75
N ILE A 114 0.29 20.00 -1.62
CA ILE A 114 0.80 21.13 -0.84
C ILE A 114 1.16 22.28 -1.82
N SER A 115 1.86 21.95 -2.89
CA SER A 115 2.19 22.90 -3.95
C SER A 115 2.37 22.12 -5.21
N GLU A 116 2.78 22.78 -6.30
CA GLU A 116 2.81 22.10 -7.57
C GLU A 116 3.61 20.80 -7.58
N ASN A 117 4.75 20.79 -6.89
CA ASN A 117 5.63 19.64 -6.84
C ASN A 117 5.88 19.10 -5.44
N LYS A 118 4.90 19.24 -4.57
CA LYS A 118 5.02 18.71 -3.19
C LYS A 118 3.65 18.23 -2.80
N THR A 119 3.61 17.03 -2.23
CA THR A 119 2.38 16.38 -1.92
C THR A 119 2.47 15.72 -0.53
N LEU A 120 1.44 15.89 0.26
CA LEU A 120 1.25 15.24 1.53
C LEU A 120 0.59 13.89 1.32
N VAL A 121 1.12 12.84 1.95
CA VAL A 121 0.55 11.51 1.87
C VAL A 121 0.19 11.07 3.26
N ASN A 122 -1.09 10.90 3.50
CA ASN A 122 -1.57 10.29 4.72
C ASN A 122 -1.63 8.78 4.52
N VAL A 123 -1.12 8.08 5.51
CA VAL A 123 -1.07 6.64 5.52
C VAL A 123 -1.85 6.14 6.71
N LYS A 124 -2.91 5.39 6.48
CA LYS A 124 -3.70 4.78 7.55
C LYS A 124 -3.59 3.27 7.45
N ILE A 125 -3.19 2.66 8.53
CA ILE A 125 -3.02 1.21 8.61
C ILE A 125 -4.04 0.70 9.58
N SER A 126 -4.91 -0.19 9.11
CA SER A 126 -5.94 -0.82 9.91
C SER A 126 -5.60 -2.29 10.07
N TYR A 127 -5.68 -2.84 11.27
CA TYR A 127 -5.14 -4.16 11.50
C TYR A 127 -5.78 -4.86 12.69
N ASP A 128 -5.59 -6.17 12.77
CA ASP A 128 -6.04 -6.95 13.93
C ASP A 128 -5.21 -8.19 13.97
N HIS A 129 -5.26 -8.86 15.12
CA HIS A 129 -4.48 -10.08 15.35
C HIS A 129 -5.22 -10.94 16.35
N GLU A 130 -5.09 -12.25 16.21
CA GLU A 130 -5.71 -13.18 17.15
C GLU A 130 -4.94 -13.31 18.43
N SER A 131 -3.62 -13.19 18.39
CA SER A 131 -2.82 -13.38 19.58
C SER A 131 -3.15 -12.33 20.61
N GLU A 132 -3.02 -12.68 21.89
CA GLU A 132 -3.25 -11.66 22.90
C GLU A 132 -2.31 -10.46 22.73
N LEU A 133 -1.03 -10.74 22.48
CA LEU A 133 -0.03 -9.71 22.19
C LEU A 133 0.43 -9.80 20.76
N ILE A 134 0.49 -8.64 20.13
CA ILE A 134 0.91 -8.55 18.73
C ILE A 134 2.36 -8.99 18.56
N GLU A 135 2.64 -9.75 17.48
CA GLU A 135 4.01 -10.06 17.11
C GLU A 135 4.77 -8.82 16.68
N GLU A 136 6.05 -8.74 17.05
CA GLU A 136 6.86 -7.55 16.81
C GLU A 136 6.94 -7.12 15.35
N LYS A 137 7.10 -8.07 14.44
CA LYS A 137 7.36 -7.72 13.05
C LYS A 137 6.12 -7.18 12.37
N VAL A 138 4.94 -7.33 12.98
CA VAL A 138 3.71 -6.81 12.37
C VAL A 138 3.07 -5.69 13.15
N LYS A 139 3.80 -5.11 14.11
CA LYS A 139 3.31 -3.85 14.68
C LYS A 139 3.24 -2.78 13.61
N PRO A 140 2.26 -1.87 13.66
CA PRO A 140 2.15 -0.88 12.59
C PRO A 140 3.28 0.12 12.58
N THR A 141 3.95 0.29 13.72
CA THR A 141 5.16 1.07 13.75
C THR A 141 6.27 0.48 12.87
N LYS A 142 6.26 -0.85 12.73
CA LYS A 142 7.17 -1.53 11.84
C LYS A 142 6.64 -1.65 10.42
N THR A 143 5.37 -2.06 10.23
CA THR A 143 4.89 -2.20 8.87
C THR A 143 4.84 -0.85 8.16
N SER A 144 4.60 0.23 8.88
CA SER A 144 4.61 1.56 8.27
C SER A 144 6.00 1.97 7.79
N GLU A 145 7.03 1.42 8.42
CA GLU A 145 8.40 1.69 7.95
C GLU A 145 8.56 1.20 6.52
N SER A 146 8.01 0.01 6.20
CA SER A 146 8.07 -0.49 4.85
C SER A 146 7.28 0.37 3.91
N THR A 147 6.10 0.81 4.30
CA THR A 147 5.31 1.69 3.48
C THR A 147 6.06 2.98 3.16
N LEU A 148 6.73 3.54 4.17
CA LEU A 148 7.51 4.76 3.96
C LEU A 148 8.73 4.52 3.10
N PHE A 149 9.37 3.37 3.24
CA PHE A 149 10.44 2.99 2.33
C PHE A 149 9.93 3.02 0.89
N TYR A 150 8.80 2.35 0.67
CA TYR A 150 8.18 2.33 -0.64
C TYR A 150 7.86 3.73 -1.17
N LEU A 151 7.22 4.56 -0.36
CA LEU A 151 6.87 5.90 -0.79
C LEU A 151 8.09 6.73 -1.13
N GLY A 152 9.17 6.58 -0.39
CA GLY A 152 10.38 7.28 -0.76
C GLY A 152 10.99 6.79 -2.08
N GLN A 153 10.91 5.50 -2.31
CA GLN A 153 11.37 4.93 -3.56
C GLN A 153 10.45 5.33 -4.74
N LEU A 154 9.16 5.48 -4.45
CA LEU A 154 8.25 5.97 -5.45
C LEU A 154 8.59 7.42 -5.85
N GLU A 155 8.87 8.25 -4.89
CA GLU A 155 9.33 9.60 -5.14
C GLU A 155 10.59 9.59 -6.02
N LYS A 156 11.55 8.77 -5.67
CA LYS A 156 12.79 8.70 -6.42
C LYS A 156 12.51 8.26 -7.88
N PHE A 157 11.65 7.26 -8.05
CA PHE A 157 11.28 6.79 -9.39
C PHE A 157 10.60 7.85 -10.25
N LEU A 158 9.66 8.58 -9.66
CA LEU A 158 8.93 9.62 -10.39
C LEU A 158 9.74 10.84 -10.72
N LEU A 159 10.76 11.14 -9.93
CA LEU A 159 11.61 12.28 -10.17
C LEU A 159 12.72 11.95 -11.10
N ASN A 160 12.85 10.69 -11.45
CA ASN A 160 13.68 10.35 -12.58
C ASN A 160 12.91 10.20 -13.87
#